data_3RGM
#
_entry.id   3RGM
#
_cell.length_a   81.629
_cell.length_b   81.629
_cell.length_c   227.729
_cell.angle_alpha   90.00
_cell.angle_beta   90.00
_cell.angle_gamma   120.00
#
_symmetry.space_group_name_H-M   'P 31 2 1'
#
loop_
_entity.id
_entity.type
_entity.pdbx_description
1 polymer 'Vitamin B12 transporter BtuB'
2 non-polymer (HYDROXYETHYLOXY)TRI(ETHYLOXY)OCTANE
3 non-polymer 'MAGNESIUM ION'
4 non-polymer 'S-[(1-oxyl-2,2,5,5-tetramethyl-2,5-dihydro-1H-pyrrol-3-yl)methyl] methanesulfonothioate'
5 water water
#
_entity_poly.entity_id   1
_entity_poly.type   'polypeptide(L)'
_entity_poly.pdbx_seq_one_letter_code
;QDTSPDTLVVTANRFEQPRSTVLAPTTVVTRQDIDRWQSTSVNDVLRRLPGVDITQNGGSGQLSSIFIRGTNASHVLVLI
DGVRLNLAGVSGSADLSQFPIALVQRVEYIRGPRSAVYGSDAIGGVVNIITTRDEPGTEISAGWGSNSYQNYDVSCQQQL
GDKTRVTLLGDYAHTHGYDVVAYGNTGTQAQTDNDGFLSKTLYGALEHNFTDAWSGFVRGYGYDNRTNYDAYYSPGSPLL
DTRKLYSQSWDAGLRYNGELIKSQLITSYSHSKDYNYDPHYGRYDSSATLDEMKQYTVQWANNVIVGHGSIGAGVDWQKQ
TTTPGTGYVEDGYDQRNTGIYLTGLQQVGDFTFEGAARSDDNSQFGRHGTWQTSAGWEFIEGYRFIASYGTSYKAPNLGQ
LYGFYGNPNLDPEKSKQWEGAFEGLTAGVNWRISGYRNDVSDLIDYDDHTLKYYNEGKARIKGVEATANFDTGPLTHTVS
YDYVDARNAITDTPLLRRAKQQVKYQLDWQLYDFDWGITYQYLGTRYDKDYSSYPYQTVKMGGVSLWDLAVAYPVTSHLT
VRGKIANLFDKDYETVYGYQTAGREYTLSGSYTF
;
_entity_poly.pdbx_strand_id   A
#
loop_
_chem_comp.id
_chem_comp.type
_chem_comp.name
_chem_comp.formula
C8E non-polymer (HYDROXYETHYLOXY)TRI(ETHYLOXY)OCTANE 'C16 H34 O5'
MG non-polymer 'MAGNESIUM ION' 'Mg 2'
MTN non-polymer 'S-[(1-oxyl-2,2,5,5-tetramethyl-2,5-dihydro-1H-pyrrol-3-yl)methyl] methanesulfonothioate' 'C10 H18 N O3 S2'
#
# COMPACT_ATOMS: atom_id res chain seq x y z
N THR A 7 -17.91 2.11 1.14
CA THR A 7 -18.52 0.82 1.59
C THR A 7 -18.08 -0.42 0.78
N LEU A 8 -17.89 -0.36 -0.54
CA LEU A 8 -17.46 -1.58 -1.29
C LEU A 8 -15.93 -1.70 -1.38
N VAL A 9 -15.41 -2.94 -1.37
CA VAL A 9 -14.02 -3.18 -1.74
C VAL A 9 -13.84 -4.40 -2.63
N VAL A 10 -12.72 -4.43 -3.33
CA VAL A 10 -12.37 -5.58 -4.11
C VAL A 10 -11.11 -6.25 -3.63
N THR A 11 -10.42 -5.69 -2.64
CA THR A 11 -9.08 -6.15 -2.34
C THR A 11 -9.06 -7.46 -1.58
N ALA A 12 -10.13 -7.80 -0.88
CA ALA A 12 -10.12 -8.94 0.07
C ALA A 12 -10.09 -10.26 -0.64
N ASN A 13 -10.97 -10.40 -1.64
CA ASN A 13 -11.02 -11.60 -2.45
C ASN A 13 -11.00 -11.37 -3.96
N ARG A 14 -10.61 -10.17 -4.37
CA ARG A 14 -10.50 -9.73 -5.79
C ARG A 14 -11.80 -9.25 -6.42
N PHE A 15 -12.94 -9.52 -5.78
CA PHE A 15 -14.22 -9.14 -6.36
C PHE A 15 -14.98 -8.19 -5.37
N GLU A 16 -15.98 -7.45 -5.85
CA GLU A 16 -16.69 -6.53 -4.99
C GLU A 16 -17.42 -7.17 -3.83
N GLN A 17 -17.17 -6.63 -2.63
CA GLN A 17 -17.99 -6.96 -1.50
C GLN A 17 -18.07 -5.79 -0.55
N PRO A 18 -19.09 -5.78 0.30
CA PRO A 18 -19.08 -4.73 1.33
C PRO A 18 -18.05 -5.01 2.39
N ARG A 19 -17.31 -3.97 2.75
CA ARG A 19 -16.44 -4.00 3.93
C ARG A 19 -16.97 -4.63 5.22
N SER A 20 -18.24 -4.38 5.56
CA SER A 20 -18.78 -5.00 6.75
C SER A 20 -18.64 -6.55 6.74
N THR A 21 -18.53 -7.14 5.54
CA THR A 21 -18.43 -8.58 5.40
C THR A 21 -16.96 -9.03 5.31
N VAL A 22 -16.04 -8.09 5.30
CA VAL A 22 -14.63 -8.45 5.40
C VAL A 22 -14.25 -8.49 6.87
N LEU A 23 -13.86 -9.64 7.38
CA LEU A 23 -13.46 -9.75 8.78
C LEU A 23 -12.12 -9.14 9.16
N ALA A 24 -11.21 -8.98 8.22
CA ALA A 24 -9.95 -8.32 8.51
C ALA A 24 -10.19 -6.78 8.62
N PRO A 25 -9.44 -6.07 9.49
CA PRO A 25 -9.51 -4.63 9.50
C PRO A 25 -9.13 -4.11 8.16
N THR A 26 -9.83 -3.04 7.79
CA THR A 26 -9.92 -2.59 6.42
C THR A 26 -10.09 -1.07 6.36
N THR A 27 -9.32 -0.41 5.52
CA THR A 27 -9.32 1.05 5.37
C THR A 27 -9.45 1.38 3.92
N VAL A 28 -10.29 2.36 3.62
CA VAL A 28 -10.51 2.82 2.27
C VAL A 28 -10.28 4.28 2.26
N VAL A 29 -9.47 4.75 1.31
CA VAL A 29 -9.17 6.17 1.11
C VAL A 29 -9.61 6.51 -0.28
N THR A 30 -10.37 7.57 -0.43
CA THR A 30 -10.88 7.92 -1.76
C THR A 30 -10.19 9.19 -2.16
N ARG A 31 -10.49 9.60 -3.39
CA ARG A 31 -9.85 10.73 -3.97
C ARG A 31 -10.35 12.01 -3.34
N GLN A 32 -11.60 12.01 -2.94
CA GLN A 32 -12.08 13.14 -2.13
C GLN A 32 -11.10 13.34 -0.94
N ASP A 33 -10.72 12.25 -0.27
CA ASP A 33 -9.85 12.35 0.87
C ASP A 33 -8.50 12.93 0.45
N ILE A 34 -7.93 12.43 -0.66
CA ILE A 34 -6.60 12.86 -1.07
C ILE A 34 -6.58 14.34 -1.45
N ASP A 35 -7.62 14.81 -2.12
CA ASP A 35 -7.68 16.22 -2.43
C ASP A 35 -7.81 17.07 -1.17
N ARG A 36 -8.72 16.70 -0.26
CA ARG A 36 -8.82 17.43 1.03
C ARG A 36 -7.46 17.46 1.78
N TRP A 37 -6.74 16.35 1.82
CA TRP A 37 -5.54 16.25 2.62
C TRP A 37 -4.43 16.98 1.94
N GLN A 38 -4.50 17.09 0.62
CA GLN A 38 -3.58 17.85 -0.20
C GLN A 38 -2.22 17.18 -0.19
N SER A 39 -2.27 15.87 -0.11
CA SER A 39 -1.14 15.06 -0.21
C SER A 39 -0.39 15.21 -1.53
N THR A 40 0.92 15.44 -1.44
CA THR A 40 1.77 15.50 -2.57
C THR A 40 2.61 14.25 -2.73
N SER A 41 2.32 13.19 -1.98
CA SER A 41 2.98 11.92 -2.20
C SER A 41 2.16 10.70 -1.72
N VAL A 42 2.52 9.51 -2.22
CA VAL A 42 1.86 8.33 -1.73
C VAL A 42 2.11 8.12 -0.23
N ASN A 43 3.35 8.23 0.22
CA ASN A 43 3.65 8.11 1.67
C ASN A 43 2.76 8.96 2.56
N ASP A 44 2.46 10.18 2.12
CA ASP A 44 1.69 11.03 2.94
C ASP A 44 0.28 10.49 3.14
N VAL A 45 -0.26 9.82 2.12
CA VAL A 45 -1.54 9.20 2.24
C VAL A 45 -1.44 8.02 3.17
N LEU A 46 -0.53 7.11 2.90
CA LEU A 46 -0.40 5.90 3.70
C LEU A 46 -0.06 6.13 5.16
N ARG A 47 0.73 7.15 5.42
CA ARG A 47 1.24 7.33 6.79
C ARG A 47 0.08 7.60 7.71
N ARG A 48 -1.08 7.96 7.17
CA ARG A 48 -2.22 8.37 8.05
C ARG A 48 -3.04 7.20 8.60
N LEU A 49 -2.80 6.04 8.01
CA LEU A 49 -3.71 4.94 8.16
C LEU A 49 -3.19 4.03 9.29
N PRO A 50 -4.07 3.20 9.86
CA PRO A 50 -3.76 2.26 10.94
C PRO A 50 -2.65 1.27 10.66
N GLY A 51 -1.70 1.17 11.58
CA GLY A 51 -0.66 0.17 11.45
C GLY A 51 0.47 0.53 10.52
N VAL A 52 0.44 1.71 9.92
CA VAL A 52 1.46 2.05 8.95
C VAL A 52 2.56 2.86 9.57
N ASP A 53 3.82 2.47 9.39
CA ASP A 53 4.97 3.23 9.94
C ASP A 53 5.92 3.38 8.79
N ILE A 54 6.00 4.58 8.22
CA ILE A 54 6.84 4.84 7.07
C ILE A 54 8.08 5.55 7.52
N THR A 55 9.24 5.12 6.97
CA THR A 55 10.52 5.84 7.22
C THR A 55 11.07 6.28 5.90
N GLN A 56 11.72 7.44 5.88
CA GLN A 56 12.21 8.01 4.63
C GLN A 56 13.54 8.71 4.85
N ASN A 57 14.47 8.53 3.92
CA ASN A 57 15.79 9.16 3.96
C ASN A 57 15.71 10.64 3.54
N GLY A 58 14.85 11.40 4.21
CA GLY A 58 14.59 12.80 3.84
C GLY A 58 13.19 13.12 3.30
N GLY A 59 13.13 14.05 2.37
CA GLY A 59 11.86 14.54 1.86
C GLY A 59 11.44 13.69 0.70
N SER A 60 10.45 14.17 -0.04
CA SER A 60 9.90 13.49 -1.20
C SER A 60 10.96 12.98 -2.20
N GLY A 61 10.71 11.80 -2.76
CA GLY A 61 11.58 11.17 -3.78
C GLY A 61 12.63 10.27 -3.19
N GLN A 62 12.97 10.52 -1.93
CA GLN A 62 14.02 9.77 -1.27
C GLN A 62 13.58 8.33 -0.96
N LEU A 63 14.51 7.40 -0.86
CA LEU A 63 14.17 6.05 -0.50
C LEU A 63 13.29 6.03 0.75
N SER A 64 12.38 5.06 0.78
CA SER A 64 11.56 4.90 1.97
C SER A 64 11.23 3.42 2.17
N SER A 65 10.72 3.14 3.36
CA SER A 65 10.28 1.81 3.69
C SER A 65 8.95 1.87 4.39
N ILE A 66 8.15 0.82 4.16
CA ILE A 66 6.85 0.68 4.79
C ILE A 66 6.85 -0.47 5.77
N PHE A 67 6.56 -0.20 7.03
CA PHE A 67 6.54 -1.22 8.07
C PHE A 67 5.08 -1.28 8.54
N ILE A 68 4.34 -2.29 8.03
CA ILE A 68 2.98 -2.56 8.44
C ILE A 68 2.99 -3.45 9.67
N ARG A 69 2.43 -2.90 10.77
CA ARG A 69 2.25 -3.73 11.96
C ARG A 69 3.55 -4.43 12.37
N GLY A 70 4.66 -3.72 12.28
CA GLY A 70 5.91 -4.19 12.86
C GLY A 70 6.70 -5.11 11.95
N THR A 71 6.08 -5.51 10.85
CA THR A 71 6.72 -6.45 9.98
C THR A 71 7.85 -5.80 9.20
N ASN A 72 8.74 -6.57 8.61
CA ASN A 72 9.78 -5.93 7.80
C ASN A 72 9.26 -5.14 6.58
N ALA A 73 10.15 -4.38 6.03
CA ALA A 73 9.89 -3.58 4.85
C ALA A 73 9.38 -4.43 3.74
N SER A 74 9.89 -5.64 3.63
CA SER A 74 9.53 -6.48 2.53
C SER A 74 8.28 -7.33 2.80
N HIS A 75 7.57 -7.08 3.89
CA HIS A 75 6.48 -7.92 4.29
C HIS A 75 5.11 -7.27 4.08
N VAL A 76 5.08 -6.24 3.23
CA VAL A 76 3.84 -5.66 2.75
C VAL A 76 3.66 -5.89 1.26
N LEU A 77 2.44 -6.14 0.82
CA LEU A 77 2.17 -6.36 -0.60
C LEU A 77 1.50 -5.13 -1.10
N VAL A 78 2.14 -4.47 -2.07
CA VAL A 78 1.62 -3.32 -2.73
C VAL A 78 1.19 -3.73 -4.12
N LEU A 79 -0.10 -3.60 -4.35
CA LEU A 79 -0.71 -3.87 -5.65
C LEU A 79 -1.05 -2.58 -6.31
N ILE A 80 -0.84 -2.50 -7.62
CA ILE A 80 -1.44 -1.44 -8.45
C ILE A 80 -2.52 -2.08 -9.28
N ASP A 81 -3.76 -1.61 -9.13
CA ASP A 81 -4.96 -2.20 -9.74
C ASP A 81 -4.90 -3.70 -9.65
N GLY A 82 -4.59 -4.17 -8.46
CA GLY A 82 -4.63 -5.59 -8.20
C GLY A 82 -3.40 -6.36 -8.56
N VAL A 83 -2.40 -5.70 -9.13
CA VAL A 83 -1.18 -6.39 -9.57
C VAL A 83 0.08 -5.89 -8.85
N ARG A 84 0.92 -6.83 -8.43
CA ARG A 84 2.11 -6.56 -7.67
C ARG A 84 2.92 -5.39 -8.26
N LEU A 85 3.27 -4.44 -7.39
CA LEU A 85 3.99 -3.25 -7.79
C LEU A 85 5.31 -3.58 -8.45
N ASN A 86 5.54 -3.05 -9.65
CA ASN A 86 6.73 -3.37 -10.38
C ASN A 86 8.07 -2.88 -9.75
N LEU A 87 8.12 -1.62 -9.30
CA LEU A 87 9.28 -1.04 -8.54
C LEU A 87 9.81 -1.91 -7.37
N ALA A 88 8.95 -2.78 -6.82
CA ALA A 88 9.31 -3.66 -5.71
C ALA A 88 10.10 -4.89 -6.14
N GLY A 89 10.12 -5.22 -7.42
CA GLY A 89 10.60 -6.56 -7.84
C GLY A 89 12.10 -6.77 -7.83
N VAL A 90 12.88 -5.72 -8.09
CA VAL A 90 14.32 -5.85 -8.08
C VAL A 90 14.86 -5.97 -6.63
N SER A 91 14.40 -5.12 -5.73
CA SER A 91 14.85 -5.19 -4.33
C SER A 91 14.00 -6.18 -3.46
N GLY A 92 12.85 -6.62 -3.96
CA GLY A 92 11.96 -7.49 -3.20
C GLY A 92 11.34 -6.80 -1.99
N SER A 93 11.12 -5.48 -2.10
CA SER A 93 10.66 -4.66 -1.00
C SER A 93 9.99 -3.40 -1.52
N ALA A 94 8.71 -3.23 -1.23
CA ALA A 94 7.86 -2.15 -1.74
C ALA A 94 8.32 -0.76 -1.25
N ASP A 95 8.59 0.16 -2.16
CA ASP A 95 9.00 1.52 -1.86
C ASP A 95 8.17 2.37 -2.78
N LEU A 96 7.24 3.16 -2.25
CA LEU A 96 6.36 4.00 -3.09
C LEU A 96 6.79 5.46 -3.27
N SER A 97 7.99 5.82 -2.83
CA SER A 97 8.39 7.22 -2.95
C SER A 97 8.36 7.79 -4.38
N GLN A 98 8.59 6.94 -5.37
CA GLN A 98 8.64 7.37 -6.78
C GLN A 98 7.31 7.28 -7.49
N PHE A 99 6.34 6.62 -6.87
CA PHE A 99 5.04 6.47 -7.47
C PHE A 99 4.28 7.77 -7.42
N PRO A 100 3.76 8.17 -8.55
CA PRO A 100 3.12 9.44 -8.67
C PRO A 100 1.81 9.47 -8.01
N ILE A 101 1.64 10.40 -7.08
CA ILE A 101 0.35 10.55 -6.38
C ILE A 101 -0.81 10.91 -7.31
N ALA A 102 -0.49 11.55 -8.43
CA ALA A 102 -1.46 11.88 -9.47
C ALA A 102 -2.27 10.68 -9.92
N LEU A 103 -1.72 9.48 -9.86
CA LEU A 103 -2.48 8.32 -10.36
C LEU A 103 -3.40 7.69 -9.30
N VAL A 104 -3.32 8.14 -8.06
CA VAL A 104 -3.97 7.39 -7.02
C VAL A 104 -5.40 7.88 -6.92
N GLN A 105 -6.34 7.07 -7.39
CA GLN A 105 -7.78 7.38 -7.26
C GLN A 105 -8.41 6.76 -6.05
N ARG A 106 -7.79 5.73 -5.50
CA ARG A 106 -8.37 5.02 -4.39
C ARG A 106 -7.31 4.12 -3.78
N VAL A 107 -7.37 3.92 -2.46
CA VAL A 107 -6.53 2.97 -1.80
C VAL A 107 -7.39 2.05 -0.97
N GLU A 108 -7.23 0.75 -1.11
CA GLU A 108 -7.87 -0.20 -0.21
C GLU A 108 -6.74 -0.93 0.49
N TYR A 109 -6.78 -0.87 1.81
CA TYR A 109 -5.65 -1.30 2.62
C TYR A 109 -6.23 -2.30 3.58
N ILE A 110 -5.84 -3.56 3.46
CA ILE A 110 -6.34 -4.59 4.35
C ILE A 110 -5.22 -5.17 5.22
N ARG A 111 -5.41 -5.15 6.54
CA ARG A 111 -4.35 -5.58 7.42
C ARG A 111 -4.48 -7.04 7.75
N GLY A 112 -3.37 -7.68 8.10
CA GLY A 112 -3.40 -9.10 8.39
C GLY A 112 -2.90 -9.83 7.16
N PRO A 113 -2.75 -11.12 7.24
CA PRO A 113 -2.09 -11.79 6.09
C PRO A 113 -3.04 -11.93 4.97
N ARG A 114 -2.53 -12.10 3.75
CA ARG A 114 -3.37 -12.41 2.62
C ARG A 114 -2.60 -13.12 1.46
N SER A 115 -1.61 -13.93 1.83
CA SER A 115 -0.91 -14.80 0.82
C SER A 115 -1.80 -15.83 0.23
N ALA A 116 -2.76 -16.26 1.03
CA ALA A 116 -3.80 -17.23 0.65
C ALA A 116 -4.77 -16.75 -0.47
N VAL A 117 -4.61 -15.52 -0.90
CA VAL A 117 -5.20 -15.05 -2.10
C VAL A 117 -4.16 -14.55 -3.07
N TYR A 118 -3.16 -13.83 -2.57
CA TYR A 118 -2.25 -13.10 -3.49
C TYR A 118 -0.84 -13.69 -3.60
N GLY A 119 -0.52 -14.67 -2.81
CA GLY A 119 0.89 -15.15 -2.77
C GLY A 119 1.86 -14.31 -1.90
N SER A 120 3.04 -14.08 -2.46
CA SER A 120 4.19 -13.59 -1.73
C SER A 120 3.98 -12.15 -1.27
N ASP A 121 4.47 -11.87 -0.08
CA ASP A 121 4.59 -10.52 0.47
C ASP A 121 3.41 -10.07 1.31
N ALA A 122 2.30 -10.76 1.30
CA ALA A 122 1.13 -10.24 2.01
C ALA A 122 1.19 -10.70 3.46
N ILE A 123 2.13 -10.19 4.23
CA ILE A 123 2.33 -10.67 5.58
C ILE A 123 1.71 -9.68 6.59
N GLY A 124 2.14 -8.42 6.55
CA GLY A 124 1.61 -7.44 7.48
C GLY A 124 0.25 -6.96 7.04
N GLY A 125 0.09 -6.86 5.73
CA GLY A 125 -1.16 -6.45 5.11
C GLY A 125 -0.97 -6.25 3.61
N VAL A 126 -2.02 -5.74 2.96
CA VAL A 126 -1.98 -5.55 1.54
C VAL A 126 -2.42 -4.14 1.26
N VAL A 127 -1.66 -3.41 0.45
CA VAL A 127 -2.03 -2.05 0.05
C VAL A 127 -2.25 -2.07 -1.43
N ASN A 128 -3.49 -1.76 -1.84
CA ASN A 128 -3.88 -1.81 -3.29
C ASN A 128 -4.20 -0.42 -3.73
N ILE A 129 -3.41 0.06 -4.67
CA ILE A 129 -3.52 1.41 -5.18
C ILE A 129 -4.24 1.29 -6.47
N ILE A 130 -5.39 1.92 -6.55
CA ILE A 130 -6.26 1.82 -7.69
C ILE A 130 -6.22 3.16 -8.47
N THR A 131 -6.19 3.05 -9.80
CA THR A 131 -5.91 4.19 -10.63
C THR A 131 -7.11 4.50 -11.48
N THR A 132 -8.23 3.84 -11.20
CA THR A 132 -9.47 4.02 -11.97
C THR A 132 -10.45 4.94 -11.29
N ARG A 133 -11.05 5.83 -12.07
CA ARG A 133 -12.15 6.70 -11.61
C ARG A 133 -13.41 6.61 -12.47
N ASP A 134 -14.59 6.70 -11.85
CA ASP A 134 -15.83 6.98 -12.61
C ASP A 134 -16.33 8.35 -12.24
N GLU A 135 -16.00 9.32 -13.08
CA GLU A 135 -16.19 10.73 -12.79
C GLU A 135 -15.93 11.55 -14.06
N PRO A 136 -16.87 11.54 -14.99
CA PRO A 136 -16.71 12.24 -16.24
C PRO A 136 -16.29 13.69 -16.07
N GLY A 137 -15.66 14.22 -17.13
CA GLY A 137 -15.39 15.65 -17.23
C GLY A 137 -13.93 15.97 -17.47
N THR A 138 -13.66 17.26 -17.55
CA THR A 138 -12.33 17.75 -17.77
C THR A 138 -11.93 18.60 -16.57
N GLU A 139 -10.67 18.50 -16.16
CA GLU A 139 -10.15 19.18 -14.98
C GLU A 139 -8.75 19.75 -15.30
N ILE A 140 -8.44 20.92 -14.78
CA ILE A 140 -7.06 21.42 -14.76
C ILE A 140 -6.72 21.82 -13.34
N SER A 141 -5.52 21.49 -12.91
CA SER A 141 -5.11 21.77 -11.52
C SER A 141 -3.65 22.14 -11.38
N ALA A 142 -3.34 22.82 -10.30
CA ALA A 142 -2.01 23.33 -10.15
C ALA A 142 -1.72 23.75 -8.75
N GLY A 143 -0.43 23.84 -8.44
CA GLY A 143 -0.02 24.23 -7.11
C GLY A 143 1.40 24.70 -7.02
N TRP A 144 1.65 25.60 -6.06
CA TRP A 144 2.99 26.09 -5.73
C TRP A 144 3.15 25.94 -4.22
N GLY A 145 4.39 25.80 -3.78
CA GLY A 145 4.64 25.78 -2.35
C GLY A 145 6.11 25.94 -2.01
N SER A 146 6.38 25.81 -0.72
CA SER A 146 7.71 25.86 -0.16
C SER A 146 8.68 24.91 -0.86
N ASN A 147 9.98 25.25 -0.79
CA ASN A 147 11.03 24.56 -1.56
C ASN A 147 10.74 24.56 -3.05
N SER A 148 10.19 25.65 -3.55
CA SER A 148 9.91 25.82 -4.97
C SER A 148 9.08 24.67 -5.59
N TYR A 149 8.21 24.06 -4.78
CA TYR A 149 7.28 23.07 -5.24
C TYR A 149 6.35 23.64 -6.30
N GLN A 150 5.97 22.80 -7.24
CA GLN A 150 5.28 23.24 -8.43
C GLN A 150 4.61 22.01 -9.09
N ASN A 151 3.30 22.12 -9.37
CA ASN A 151 2.51 21.02 -9.93
C ASN A 151 1.55 21.56 -10.97
N TYR A 152 1.51 20.92 -12.13
CA TYR A 152 0.46 21.17 -13.12
C TYR A 152 -0.10 19.85 -13.62
N ASP A 153 -1.38 19.82 -13.94
CA ASP A 153 -2.08 18.55 -14.12
C ASP A 153 -3.32 18.76 -14.97
N VAL A 154 -3.41 17.99 -16.05
CA VAL A 154 -4.56 18.06 -16.95
C VAL A 154 -5.17 16.68 -16.98
N SER A 155 -6.48 16.57 -16.85
CA SER A 155 -7.10 15.25 -16.79
C SER A 155 -8.47 15.23 -17.50
N CYS A 156 -8.82 14.06 -18.03
CA CYS A 156 -10.04 14.10 -18.78
C CYS A 156 -10.62 12.71 -18.80
N GLN A 157 -11.92 12.64 -18.74
CA GLN A 157 -12.66 11.37 -18.89
C GLN A 157 -13.96 11.67 -19.60
N GLN A 158 -14.24 10.96 -20.69
CA GLN A 158 -15.45 11.22 -21.46
C GLN A 158 -15.92 9.98 -22.19
N GLN A 159 -17.19 9.98 -22.56
CA GLN A 159 -17.76 8.93 -23.38
C GLN A 159 -17.38 9.11 -24.87
N LEU A 160 -16.87 8.05 -25.49
CA LEU A 160 -16.72 8.01 -26.93
C LEU A 160 -17.88 7.17 -27.41
N GLY A 161 -19.02 7.83 -27.58
CA GLY A 161 -20.24 7.16 -27.97
C GLY A 161 -20.82 6.38 -26.81
N ASP A 162 -21.76 5.50 -27.12
CA ASP A 162 -22.39 4.66 -26.11
C ASP A 162 -21.41 3.55 -25.72
N LYS A 163 -21.37 3.22 -24.44
CA LYS A 163 -20.71 1.99 -24.03
C LYS A 163 -19.16 1.99 -24.06
N THR A 164 -18.48 3.03 -24.56
CA THR A 164 -16.99 3.12 -24.49
C THR A 164 -16.53 4.40 -23.79
N ARG A 165 -15.66 4.35 -22.80
CA ARG A 165 -15.13 5.61 -22.25
C ARG A 165 -13.62 5.70 -22.27
N VAL A 166 -13.11 6.93 -22.39
CA VAL A 166 -11.68 7.22 -22.51
C VAL A 166 -11.26 8.12 -21.34
N THR A 167 -10.09 7.85 -20.79
CA THR A 167 -9.58 8.59 -19.67
C THR A 167 -8.18 9.02 -20.05
N LEU A 168 -7.85 10.31 -19.92
CA LEU A 168 -6.50 10.78 -20.14
C LEU A 168 -6.03 11.60 -18.96
N LEU A 169 -4.71 11.60 -18.71
CA LEU A 169 -4.11 12.42 -17.66
C LEU A 169 -2.64 12.67 -17.89
N GLY A 170 -2.22 13.91 -17.69
CA GLY A 170 -0.81 14.24 -17.60
C GLY A 170 -0.52 15.07 -16.37
N ASP A 171 0.66 14.90 -15.79
CA ASP A 171 1.02 15.59 -14.51
C ASP A 171 2.50 15.93 -14.44
N TYR A 172 2.83 17.10 -13.96
CA TYR A 172 4.20 17.50 -13.83
C TYR A 172 4.31 17.95 -12.42
N ALA A 173 5.27 17.39 -11.69
CA ALA A 173 5.52 17.76 -10.31
C ALA A 173 7.01 17.94 -10.08
N HIS A 174 7.36 19.02 -9.39
CA HIS A 174 8.75 19.34 -9.10
C HIS A 174 8.91 20.01 -7.74
N THR A 175 9.99 19.66 -7.04
CA THR A 175 10.21 20.08 -5.67
C THR A 175 11.73 20.06 -5.43
N HIS A 176 12.37 21.24 -5.27
CA HIS A 176 13.83 21.27 -4.99
C HIS A 176 14.14 20.74 -3.58
N GLY A 177 15.43 20.55 -3.27
CA GLY A 177 15.85 20.09 -1.92
C GLY A 177 15.38 21.04 -0.82
N GLY A 196 16.42 18.29 -6.48
CA GLY A 196 15.48 17.56 -5.61
C GLY A 196 14.78 16.40 -6.33
N PHE A 197 13.49 16.57 -6.65
CA PHE A 197 12.66 15.50 -7.24
C PHE A 197 11.81 16.01 -8.39
N LEU A 198 11.94 15.40 -9.57
CA LEU A 198 11.17 15.80 -10.74
C LEU A 198 10.39 14.61 -11.31
N SER A 199 9.08 14.77 -11.48
CA SER A 199 8.18 13.67 -11.88
C SER A 199 7.20 14.10 -12.98
N LYS A 200 7.16 13.30 -14.04
CA LYS A 200 6.33 13.53 -15.20
C LYS A 200 5.50 12.27 -15.38
N THR A 201 4.17 12.39 -15.41
CA THR A 201 3.28 11.24 -15.49
C THR A 201 2.32 11.38 -16.62
N LEU A 202 2.12 10.28 -17.35
CA LEU A 202 1.14 10.19 -18.45
C LEU A 202 0.32 8.90 -18.29
N TYR A 203 -0.99 8.98 -18.52
CA TYR A 203 -1.88 7.85 -18.28
C TYR A 203 -3.05 7.96 -19.24
N GLY A 204 -3.37 6.82 -19.87
CA GLY A 204 -4.58 6.69 -20.68
C GLY A 204 -5.34 5.38 -20.48
N ALA A 205 -6.65 5.42 -20.65
CA ALA A 205 -7.50 4.24 -20.46
C ALA A 205 -8.67 4.20 -21.48
N LEU A 206 -8.96 3.02 -22.00
CA LEU A 206 -10.21 2.77 -22.74
C LEU A 206 -11.01 1.70 -22.04
N GLU A 207 -12.26 2.01 -21.68
CA GLU A 207 -13.20 1.08 -21.04
C GLU A 207 -14.37 0.86 -21.92
N HIS A 208 -14.84 -0.37 -22.03
CA HIS A 208 -15.85 -0.72 -23.02
C HIS A 208 -16.77 -1.80 -22.48
N ASN A 209 -18.07 -1.57 -22.62
CA ASN A 209 -19.09 -2.54 -22.27
C ASN A 209 -19.62 -3.20 -23.53
N PHE A 210 -19.27 -4.47 -23.73
CA PHE A 210 -19.82 -5.21 -24.89
C PHE A 210 -21.31 -5.50 -24.69
N THR A 211 -21.73 -5.61 -23.42
CA THR A 211 -23.12 -5.80 -22.98
C THR A 211 -23.12 -5.20 -21.58
N ASP A 212 -24.22 -5.25 -20.82
CA ASP A 212 -24.20 -4.74 -19.43
C ASP A 212 -23.56 -5.71 -18.42
N ALA A 213 -23.23 -6.93 -18.88
CA ALA A 213 -22.55 -7.95 -18.08
C ALA A 213 -21.05 -8.09 -18.46
N TRP A 214 -20.75 -8.00 -19.75
CA TRP A 214 -19.36 -8.09 -20.25
C TRP A 214 -18.70 -6.70 -20.40
N SER A 215 -17.51 -6.54 -19.84
CA SER A 215 -16.70 -5.30 -20.00
C SER A 215 -15.26 -5.62 -20.38
N GLY A 216 -14.61 -4.63 -20.99
CA GLY A 216 -13.20 -4.75 -21.31
C GLY A 216 -12.46 -3.42 -21.11
N PHE A 217 -11.15 -3.50 -20.87
CA PHE A 217 -10.33 -2.30 -20.69
C PHE A 217 -8.91 -2.47 -21.22
N VAL A 218 -8.35 -1.37 -21.70
CA VAL A 218 -6.91 -1.30 -21.93
C VAL A 218 -6.39 -0.07 -21.25
N ARG A 219 -5.29 -0.23 -20.53
CA ARG A 219 -4.71 0.89 -19.80
C ARG A 219 -3.26 0.93 -20.10
N GLY A 220 -2.73 2.13 -20.23
CA GLY A 220 -1.29 2.31 -20.21
C GLY A 220 -0.87 3.58 -19.50
N TYR A 221 0.20 3.48 -18.74
CA TYR A 221 0.78 4.68 -18.20
C TYR A 221 2.22 4.46 -17.91
N GLY A 222 2.85 5.58 -17.53
CA GLY A 222 4.27 5.58 -17.22
C GLY A 222 4.70 6.93 -16.67
N TYR A 223 5.91 6.97 -16.12
CA TYR A 223 6.38 8.16 -15.52
C TYR A 223 7.88 8.23 -15.56
N ASP A 224 8.39 9.46 -15.70
CA ASP A 224 9.80 9.74 -15.82
C ASP A 224 10.19 10.62 -14.64
N ASN A 225 11.05 10.11 -13.78
CA ASN A 225 11.43 10.78 -12.52
C ASN A 225 12.94 11.08 -12.49
N ARG A 226 13.35 12.19 -11.89
CA ARG A 226 14.76 12.47 -11.59
C ARG A 226 14.88 12.85 -10.12
N THR A 227 15.81 12.20 -9.40
CA THR A 227 16.03 12.49 -7.96
C THR A 227 17.52 12.82 -7.69
N ASN A 228 17.79 13.88 -6.92
CA ASN A 228 19.17 14.26 -6.58
C ASN A 228 19.49 13.98 -5.11
N ASP A 241 25.01 12.83 -6.64
CA ASP A 241 24.43 11.52 -6.89
C ASP A 241 22.94 11.67 -7.36
N THR A 242 22.68 11.16 -8.57
CA THR A 242 21.42 11.35 -9.30
C THR A 242 20.72 10.04 -9.54
N ARG A 243 19.40 10.11 -9.66
CA ARG A 243 18.57 8.97 -10.00
C ARG A 243 17.64 9.31 -11.16
N LYS A 244 17.61 8.43 -12.15
CA LYS A 244 16.72 8.56 -13.27
C LYS A 244 15.94 7.23 -13.38
N LEU A 245 14.71 7.24 -12.91
CA LEU A 245 13.80 6.08 -13.00
C LEU A 245 12.75 6.32 -14.08
N TYR A 246 12.48 5.29 -14.87
CA TYR A 246 11.39 5.34 -15.82
C TYR A 246 10.62 4.05 -15.69
N SER A 247 9.30 4.14 -15.69
CA SER A 247 8.48 2.94 -15.64
C SER A 247 7.34 3.10 -16.60
N GLN A 248 6.88 2.00 -17.18
CA GLN A 248 5.63 2.02 -17.89
C GLN A 248 4.88 0.71 -17.56
N SER A 249 3.56 0.83 -17.45
CA SER A 249 2.73 -0.29 -17.17
C SER A 249 1.65 -0.37 -18.20
N TRP A 250 1.40 -1.54 -18.73
CA TRP A 250 0.20 -1.76 -19.57
C TRP A 250 -0.62 -2.89 -19.04
N ASP A 251 -1.93 -2.71 -19.05
CA ASP A 251 -2.88 -3.69 -18.50
C ASP A 251 -4.02 -3.82 -19.52
N ALA A 252 -4.58 -5.02 -19.60
CA ALA A 252 -5.74 -5.29 -20.43
C ALA A 252 -6.52 -6.46 -19.83
N GLY A 253 -7.86 -6.39 -19.90
CA GLY A 253 -8.71 -7.43 -19.36
C GLY A 253 -10.15 -7.51 -19.84
N LEU A 254 -10.77 -8.64 -19.49
CA LEU A 254 -12.19 -8.86 -19.64
C LEU A 254 -12.79 -9.13 -18.27
N ARG A 255 -13.98 -8.58 -18.01
CA ARG A 255 -14.74 -8.98 -16.82
C ARG A 255 -16.18 -9.43 -17.22
N TYR A 256 -16.72 -10.38 -16.48
CA TYR A 256 -18.13 -10.70 -16.56
C TYR A 256 -18.66 -10.37 -15.18
N ASN A 257 -19.68 -9.53 -15.12
CA ASN A 257 -20.30 -9.16 -13.89
C ASN A 257 -21.75 -9.49 -13.99
N GLY A 258 -22.12 -10.69 -13.61
CA GLY A 258 -23.49 -11.16 -13.77
C GLY A 258 -24.28 -11.02 -12.48
N GLU A 259 -25.51 -11.52 -12.49
CA GLU A 259 -26.31 -11.48 -11.26
C GLU A 259 -25.62 -12.36 -10.22
N LEU A 260 -25.24 -13.58 -10.58
CA LEU A 260 -24.59 -14.51 -9.63
C LEU A 260 -23.11 -14.74 -9.90
N ILE A 261 -22.74 -14.87 -11.18
CA ILE A 261 -21.39 -15.21 -11.56
C ILE A 261 -20.52 -13.97 -11.83
N LYS A 262 -19.30 -13.99 -11.34
CA LYS A 262 -18.39 -12.92 -11.68
C LYS A 262 -17.10 -13.52 -12.14
N SER A 263 -16.52 -12.94 -13.17
CA SER A 263 -15.27 -13.45 -13.73
C SER A 263 -14.35 -12.35 -14.16
N GLN A 264 -13.05 -12.61 -14.09
CA GLN A 264 -12.08 -11.66 -14.61
C GLN A 264 -10.81 -12.33 -15.15
N LEU A 265 -10.30 -11.80 -16.26
CA LEU A 265 -9.12 -12.32 -16.91
C LEU A 265 -8.33 -11.07 -17.12
N ILE A 266 -7.14 -11.03 -16.55
CA ILE A 266 -6.37 -9.82 -16.58
C ILE A 266 -4.94 -10.05 -16.91
N THR A 267 -4.42 -9.15 -17.74
CA THR A 267 -3.09 -9.19 -18.32
C THR A 267 -2.29 -7.96 -17.97
N SER A 268 -1.11 -8.09 -17.45
CA SER A 268 -0.38 -6.88 -17.18
C SER A 268 1.06 -6.99 -17.54
N TYR A 269 1.62 -5.89 -17.99
CA TYR A 269 3.01 -5.90 -18.36
C TYR A 269 3.64 -4.62 -17.86
N SER A 270 4.71 -4.74 -17.10
CA SER A 270 5.40 -3.56 -16.63
C SER A 270 6.88 -3.60 -17.01
N HIS A 271 7.41 -2.46 -17.40
CA HIS A 271 8.83 -2.35 -17.80
C HIS A 271 9.42 -1.14 -17.07
N SER A 272 10.36 -1.37 -16.16
CA SER A 272 11.06 -0.29 -15.46
C SER A 272 12.55 -0.27 -15.75
N LYS A 273 13.15 0.93 -15.71
CA LYS A 273 14.59 1.18 -15.93
C LYS A 273 15.06 2.18 -14.84
N ASP A 274 16.08 1.83 -14.06
CA ASP A 274 16.42 2.59 -12.83
C ASP A 274 17.90 2.83 -12.83
N TYR A 275 18.27 4.05 -13.17
CA TYR A 275 19.67 4.50 -13.30
C TYR A 275 20.11 5.21 -12.02
N ASN A 276 21.24 4.82 -11.44
CA ASN A 276 21.94 5.65 -10.43
C ASN A 276 23.33 5.97 -10.99
N TYR A 277 23.74 7.23 -10.91
CA TYR A 277 25.10 7.64 -11.34
C TYR A 277 25.77 8.53 -10.30
N ALA A 288 28.07 4.08 -13.89
CA ALA A 288 26.70 4.22 -13.41
C ALA A 288 25.94 2.86 -13.48
N THR A 289 24.91 2.68 -12.64
CA THR A 289 24.27 1.37 -12.47
C THR A 289 22.81 1.32 -12.96
N LEU A 290 22.48 0.29 -13.72
CA LEU A 290 21.18 0.20 -14.37
C LEU A 290 20.40 -1.01 -13.85
N ASP A 291 19.28 -0.78 -13.19
CA ASP A 291 18.37 -1.87 -12.79
C ASP A 291 17.20 -1.91 -13.77
N GLU A 292 17.01 -3.03 -14.45
CA GLU A 292 15.97 -3.14 -15.46
C GLU A 292 15.15 -4.40 -15.20
N MET A 293 13.84 -4.29 -15.27
CA MET A 293 12.97 -5.41 -14.99
C MET A 293 11.74 -5.32 -15.85
N LYS A 294 11.34 -6.45 -16.41
CA LYS A 294 10.08 -6.62 -17.05
C LYS A 294 9.27 -7.62 -16.24
N GLN A 295 8.03 -7.27 -15.94
CA GLN A 295 7.14 -8.14 -15.20
C GLN A 295 5.87 -8.33 -15.99
N TYR A 296 5.50 -9.59 -16.18
CA TYR A 296 4.35 -9.99 -16.93
C TYR A 296 3.42 -10.74 -15.99
N THR A 297 2.10 -10.51 -16.12
CA THR A 297 1.13 -11.14 -15.27
C THR A 297 -0.15 -11.48 -16.03
N VAL A 298 -0.65 -12.69 -15.81
CA VAL A 298 -1.93 -13.12 -16.28
C VAL A 298 -2.62 -13.81 -15.14
N GLN A 299 -3.90 -13.49 -14.95
CA GLN A 299 -4.70 -14.01 -13.83
C GLN A 299 -6.11 -14.29 -14.30
N TRP A 300 -6.66 -15.43 -13.88
CA TRP A 300 -8.05 -15.75 -14.17
C TRP A 300 -8.70 -16.09 -12.85
N ALA A 301 -9.77 -15.36 -12.53
CA ALA A 301 -10.50 -15.60 -11.32
C ALA A 301 -12.01 -15.66 -11.56
N ASN A 302 -12.68 -16.50 -10.79
CA ASN A 302 -14.08 -16.53 -10.76
C ASN A 302 -14.55 -16.48 -9.34
N ASN A 303 -15.82 -16.07 -9.21
CA ASN A 303 -16.45 -15.98 -7.93
C ASN A 303 -17.92 -16.13 -8.19
N VAL A 304 -18.60 -16.88 -7.35
CA VAL A 304 -20.05 -17.02 -7.50
C VAL A 304 -20.82 -16.77 -6.18
N ILE A 305 -22.03 -16.20 -6.29
CA ILE A 305 -22.85 -15.96 -5.11
C ILE A 305 -23.63 -17.21 -4.79
N VAL A 306 -23.45 -17.71 -3.57
CA VAL A 306 -24.03 -18.98 -3.11
C VAL A 306 -24.43 -18.83 -1.69
N GLY A 307 -25.61 -19.29 -1.32
CA GLY A 307 -26.18 -18.99 0.02
C GLY A 307 -26.10 -17.52 0.27
N HIS A 308 -25.71 -17.17 1.49
CA HIS A 308 -25.54 -15.77 1.88
C HIS A 308 -24.07 -15.58 1.95
N GLY A 309 -23.44 -15.62 0.78
CA GLY A 309 -22.01 -15.35 0.64
C GLY A 309 -21.48 -15.83 -0.71
N SER A 310 -20.26 -16.28 -0.75
CA SER A 310 -19.69 -16.59 -2.00
C SER A 310 -18.59 -17.61 -1.91
N ILE A 311 -18.20 -18.08 -3.09
CA ILE A 311 -17.09 -18.95 -3.23
C ILE A 311 -16.37 -18.55 -4.54
N GLY A 312 -15.04 -18.50 -4.48
CA GLY A 312 -14.21 -18.09 -5.62
C GLY A 312 -12.97 -18.98 -5.82
N ALA A 313 -12.38 -18.86 -7.00
CA ALA A 313 -11.15 -19.54 -7.30
C ALA A 313 -10.44 -18.82 -8.43
N GLY A 314 -9.11 -18.89 -8.41
CA GLY A 314 -8.35 -18.46 -9.57
C GLY A 314 -6.96 -19.04 -9.67
N VAL A 315 -6.37 -18.73 -10.81
CA VAL A 315 -5.01 -19.11 -11.13
C VAL A 315 -4.28 -17.82 -11.50
N ASP A 316 -3.05 -17.74 -11.00
CA ASP A 316 -2.25 -16.49 -10.96
C ASP A 316 -0.87 -16.80 -11.54
N TRP A 317 -0.48 -16.26 -12.70
CA TRP A 317 0.87 -16.50 -13.24
C TRP A 317 1.74 -15.25 -13.36
N GLN A 318 3.01 -15.37 -13.00
CA GLN A 318 3.90 -14.20 -12.97
C GLN A 318 5.30 -14.52 -13.49
N LYS A 319 5.81 -13.69 -14.41
CA LYS A 319 7.19 -13.78 -14.85
C LYS A 319 7.96 -12.44 -14.67
N GLN A 320 9.20 -12.56 -14.21
CA GLN A 320 10.02 -11.41 -13.96
C GLN A 320 11.34 -11.59 -14.64
N THR A 321 11.68 -10.78 -15.63
CA THR A 321 12.99 -10.93 -16.24
C THR A 321 13.80 -9.71 -15.92
N THR A 322 15.06 -9.91 -15.56
CA THR A 322 15.93 -8.80 -15.28
C THR A 322 17.12 -8.86 -16.19
N THR A 323 17.59 -7.66 -16.55
CA THR A 323 18.84 -7.44 -17.29
C THR A 323 20.08 -7.85 -16.49
N PRO A 324 21.12 -8.38 -17.16
CA PRO A 324 22.41 -8.58 -16.44
C PRO A 324 22.93 -7.32 -15.70
N GLY A 325 23.44 -7.48 -14.48
CA GLY A 325 23.92 -6.36 -13.66
C GLY A 325 22.84 -5.72 -12.82
N THR A 326 21.61 -6.22 -12.93
CA THR A 326 20.51 -5.63 -12.16
C THR A 326 20.53 -6.07 -10.69
N GLY A 327 20.53 -5.10 -9.77
CA GLY A 327 20.53 -5.39 -8.33
C GLY A 327 21.81 -6.07 -7.88
N TYR A 328 22.92 -5.67 -8.48
CA TYR A 328 24.25 -6.23 -8.19
C TYR A 328 24.28 -7.76 -8.28
N VAL A 329 23.59 -8.27 -9.30
CA VAL A 329 23.64 -9.67 -9.70
C VAL A 329 24.31 -9.68 -11.07
N GLU A 330 25.16 -10.67 -11.35
CA GLU A 330 25.94 -10.67 -12.60
C GLU A 330 25.07 -11.01 -13.82
N ASP A 331 24.41 -12.17 -13.76
CA ASP A 331 23.57 -12.66 -14.86
C ASP A 331 22.18 -12.02 -14.85
N GLY A 332 21.46 -12.18 -15.96
CA GLY A 332 20.05 -11.85 -16.03
C GLY A 332 19.25 -13.05 -15.60
N TYR A 333 18.12 -12.81 -14.96
CA TYR A 333 17.33 -13.89 -14.43
C TYR A 333 15.90 -13.82 -14.87
N ASP A 334 15.29 -14.98 -14.83
CA ASP A 334 13.95 -15.21 -15.30
C ASP A 334 13.26 -16.02 -14.20
N GLN A 335 12.35 -15.39 -13.48
CA GLN A 335 11.66 -16.09 -12.40
C GLN A 335 10.20 -16.20 -12.74
N ARG A 336 9.63 -17.30 -12.32
CA ARG A 336 8.26 -17.61 -12.70
C ARG A 336 7.55 -18.13 -11.50
N ASN A 337 6.29 -17.76 -11.38
CA ASN A 337 5.46 -18.23 -10.28
C ASN A 337 4.10 -18.54 -10.79
N THR A 338 3.54 -19.65 -10.33
CA THR A 338 2.13 -19.88 -10.55
C THR A 338 1.42 -20.24 -9.27
N GLY A 339 0.22 -19.73 -9.09
CA GLY A 339 -0.51 -20.04 -7.87
C GLY A 339 -1.94 -20.30 -8.24
N ILE A 340 -2.54 -21.18 -7.45
CA ILE A 340 -3.92 -21.50 -7.54
C ILE A 340 -4.45 -21.39 -6.12
N TYR A 341 -5.60 -20.74 -6.00
CA TYR A 341 -6.23 -20.43 -4.72
C TYR A 341 -7.75 -20.52 -4.77
N LEU A 342 -8.29 -20.69 -3.58
CA LEU A 342 -9.71 -20.85 -3.31
C LEU A 342 -10.09 -19.83 -2.19
N THR A 343 -11.26 -19.18 -2.31
CA THR A 343 -11.77 -18.25 -1.31
C THR A 343 -13.23 -18.56 -0.99
N GLY A 344 -13.69 -18.06 0.14
CA GLY A 344 -15.09 -18.36 0.52
C GLY A 344 -15.53 -17.48 1.65
N LEU A 345 -16.79 -17.08 1.56
CA LEU A 345 -17.43 -16.26 2.58
C LEU A 345 -18.80 -16.76 2.84
N GLN A 346 -19.21 -16.83 4.09
CA GLN A 346 -20.57 -17.28 4.36
C GLN A 346 -21.14 -16.64 5.64
N GLN A 347 -22.42 -16.30 5.60
CA GLN A 347 -23.10 -15.76 6.74
C GLN A 347 -24.11 -16.76 7.16
N VAL A 348 -24.05 -17.22 8.39
CA VAL A 348 -25.14 -18.03 8.95
C VAL A 348 -25.51 -17.50 10.33
N GLY A 349 -26.73 -17.00 10.43
CA GLY A 349 -27.31 -16.55 11.65
C GLY A 349 -26.55 -15.32 12.00
N ASP A 350 -26.05 -15.30 13.23
CA ASP A 350 -25.25 -14.20 13.73
C ASP A 350 -23.74 -14.37 13.42
N PHE A 351 -23.39 -15.44 12.70
CA PHE A 351 -22.01 -15.79 12.49
C PHE A 351 -21.59 -15.45 11.03
N THR A 352 -20.33 -15.03 10.83
CA THR A 352 -19.73 -14.86 9.51
C THR A 352 -18.46 -15.69 9.52
N PHE A 353 -18.19 -16.36 8.41
CA PHE A 353 -16.98 -17.20 8.22
C PHE A 353 -16.35 -16.77 6.90
N GLU A 354 -15.04 -16.56 6.90
CA GLU A 354 -14.37 -16.10 5.72
C GLU A 354 -13.09 -16.92 5.63
N GLY A 355 -12.69 -17.32 4.43
CA GLY A 355 -11.50 -18.14 4.30
C GLY A 355 -10.80 -17.98 2.97
N ALA A 356 -9.55 -18.43 2.92
CA ALA A 356 -8.76 -18.49 1.66
C ALA A 356 -7.66 -19.55 1.80
N ALA A 357 -7.27 -20.14 0.67
CA ALA A 357 -6.23 -21.14 0.67
C ALA A 357 -5.58 -21.19 -0.71
N ARG A 358 -4.26 -21.25 -0.72
CA ARG A 358 -3.49 -21.07 -1.92
C ARG A 358 -2.28 -22.00 -2.01
N SER A 359 -1.90 -22.35 -3.24
CA SER A 359 -0.68 -23.09 -3.40
C SER A 359 0.08 -22.46 -4.51
N ASP A 360 1.33 -22.10 -4.22
CA ASP A 360 2.20 -21.39 -5.12
C ASP A 360 3.32 -22.34 -5.55
N ASP A 361 3.63 -22.36 -6.84
CA ASP A 361 4.77 -23.11 -7.35
C ASP A 361 5.76 -22.13 -7.94
N ASN A 362 6.92 -22.05 -7.30
CA ASN A 362 7.94 -21.05 -7.62
C ASN A 362 9.14 -21.67 -8.33
N SER A 363 9.56 -21.07 -9.43
CA SER A 363 10.64 -21.63 -10.23
C SER A 363 11.92 -21.85 -9.47
N GLN A 364 12.14 -21.12 -8.38
CA GLN A 364 13.33 -21.31 -7.54
C GLN A 364 13.10 -22.21 -6.31
N PHE A 365 12.12 -21.93 -5.44
CA PHE A 365 11.95 -22.73 -4.21
C PHE A 365 10.88 -23.81 -4.29
N GLY A 366 10.15 -23.83 -5.38
CA GLY A 366 9.12 -24.80 -5.54
C GLY A 366 7.82 -24.43 -4.84
N ARG A 367 7.31 -25.40 -4.10
CA ARG A 367 5.94 -25.40 -3.70
C ARG A 367 5.78 -24.87 -2.28
N HIS A 368 4.88 -23.92 -2.10
CA HIS A 368 4.57 -23.47 -0.74
C HIS A 368 3.08 -23.17 -0.65
N GLY A 369 2.47 -23.68 0.40
CA GLY A 369 1.02 -23.47 0.57
C GLY A 369 0.72 -22.54 1.72
N THR A 370 -0.36 -21.78 1.61
CA THR A 370 -0.78 -20.91 2.68
C THR A 370 -2.25 -21.03 2.79
N TRP A 371 -2.76 -20.51 3.92
CA TRP A 371 -4.22 -20.54 4.22
C TRP A 371 -4.58 -19.63 5.38
N GLN A 372 -5.85 -19.22 5.42
CA GLN A 372 -6.37 -18.40 6.50
C GLN A 372 -7.89 -18.57 6.71
N THR A 373 -8.34 -18.42 7.95
CA THR A 373 -9.81 -18.42 8.27
C THR A 373 -10.15 -17.34 9.25
N SER A 374 -11.38 -16.89 9.21
CA SER A 374 -11.93 -15.97 10.20
C SER A 374 -13.38 -16.32 10.52
N ALA A 375 -13.70 -16.18 11.78
CA ALA A 375 -15.04 -16.37 12.27
C ALA A 375 -15.41 -15.11 13.05
N GLY A 376 -16.63 -14.66 12.84
CA GLY A 376 -17.13 -13.45 13.47
C GLY A 376 -18.52 -13.72 13.97
N TRP A 377 -18.82 -13.14 15.12
CA TRP A 377 -20.05 -13.46 15.85
C TRP A 377 -20.63 -12.16 16.32
N GLU A 378 -21.74 -11.76 15.71
CA GLU A 378 -22.56 -10.62 16.15
C GLU A 378 -23.45 -10.99 17.35
N PHE A 379 -22.88 -10.87 18.55
CA PHE A 379 -23.50 -11.39 19.78
C PHE A 379 -24.67 -10.51 20.31
N ILE A 380 -24.71 -9.26 19.89
CA ILE A 380 -25.79 -8.36 20.16
C ILE A 380 -25.76 -7.45 18.97
N GLU A 381 -26.86 -6.87 18.58
CA GLU A 381 -26.83 -6.09 17.34
C GLU A 381 -25.81 -4.92 17.43
N GLY A 382 -24.98 -4.73 16.41
CA GLY A 382 -24.03 -3.66 16.37
C GLY A 382 -22.67 -3.99 16.99
N TYR A 383 -22.56 -5.14 17.68
CA TYR A 383 -21.32 -5.57 18.29
C TYR A 383 -20.85 -6.93 17.86
N ARG A 384 -19.54 -7.07 17.67
CA ARG A 384 -19.00 -8.25 17.05
C ARG A 384 -17.63 -8.63 17.61
N PHE A 385 -17.42 -9.93 17.79
CA PHE A 385 -16.15 -10.49 18.15
C PHE A 385 -15.65 -11.27 16.93
N ILE A 386 -14.39 -11.04 16.58
CA ILE A 386 -13.77 -11.62 15.40
C ILE A 386 -12.50 -12.36 15.79
N ALA A 387 -12.33 -13.58 15.29
CA ALA A 387 -11.09 -14.38 15.56
C ALA A 387 -10.52 -14.85 14.24
N SER A 388 -9.24 -14.59 14.01
CA SER A 388 -8.59 -14.95 12.75
C SER A 388 -7.30 -15.69 12.99
N TYR A 389 -6.97 -16.58 12.04
CA TYR A 389 -5.66 -17.19 11.96
C TYR A 389 -5.26 -17.20 10.50
N GLY A 390 -3.95 -17.11 10.24
CA GLY A 390 -3.49 -17.06 8.85
C GLY A 390 -2.01 -17.37 8.70
N THR A 391 -1.62 -18.01 7.62
CA THR A 391 -0.19 -18.21 7.34
C THR A 391 0.13 -17.42 6.09
N SER A 392 1.38 -16.94 5.98
CA SER A 392 1.83 -16.25 4.77
C SER A 392 3.34 -16.38 4.55
N TYR A 393 3.82 -15.88 3.42
CA TYR A 393 5.23 -15.99 3.15
C TYR A 393 5.82 -14.88 2.33
N LYS A 394 7.16 -14.82 2.40
CA LYS A 394 7.94 -13.95 1.56
C LYS A 394 8.96 -14.73 0.78
N ALA A 395 8.92 -14.58 -0.55
CA ALA A 395 9.89 -15.23 -1.44
C ALA A 395 11.29 -14.60 -1.27
N PRO A 396 12.36 -15.41 -1.40
CA PRO A 396 13.71 -14.82 -1.48
C PRO A 396 13.88 -13.84 -2.63
N ASN A 397 14.79 -12.89 -2.51
CA ASN A 397 14.99 -11.94 -3.61
C ASN A 397 16.25 -12.19 -4.41
N LEU A 398 16.36 -11.51 -5.55
CA LEU A 398 17.45 -11.72 -6.51
C LEU A 398 18.80 -11.67 -5.87
N GLY A 399 19.01 -10.68 -5.03
CA GLY A 399 20.29 -10.49 -4.36
C GLY A 399 20.59 -11.59 -3.38
N GLN A 400 19.57 -12.03 -2.67
CA GLN A 400 19.74 -13.05 -1.64
C GLN A 400 20.03 -14.31 -2.30
N LEU A 401 19.40 -14.56 -3.44
CA LEU A 401 19.58 -15.81 -4.19
C LEU A 401 20.86 -15.88 -4.98
N TYR A 402 21.24 -14.78 -5.65
CA TYR A 402 22.27 -14.87 -6.73
C TYR A 402 23.37 -13.80 -6.69
N GLY A 403 23.31 -12.89 -5.71
CA GLY A 403 24.29 -11.80 -5.61
C GLY A 403 25.58 -12.32 -5.09
N PHE A 404 26.51 -11.43 -4.73
CA PHE A 404 27.84 -11.86 -4.29
C PHE A 404 27.77 -12.81 -3.08
N TYR A 405 26.80 -12.60 -2.19
CA TYR A 405 26.65 -13.47 -1.03
C TYR A 405 25.43 -14.39 -1.15
N GLY A 406 25.07 -14.77 -2.38
CA GLY A 406 23.81 -15.49 -2.61
C GLY A 406 23.74 -16.92 -2.09
N ASN A 407 22.56 -17.39 -1.76
CA ASN A 407 22.34 -18.81 -1.45
C ASN A 407 21.20 -19.26 -2.33
N PRO A 408 21.51 -19.96 -3.41
CA PRO A 408 20.40 -20.24 -4.37
C PRO A 408 19.33 -21.20 -3.85
N ASN A 409 19.59 -21.84 -2.71
CA ASN A 409 18.70 -22.79 -2.08
C ASN A 409 17.80 -22.22 -0.95
N LEU A 410 17.59 -20.93 -0.92
CA LEU A 410 16.86 -20.37 0.20
C LEU A 410 15.38 -20.74 0.10
N ASP A 411 14.75 -20.92 1.25
CA ASP A 411 13.30 -21.07 1.29
C ASP A 411 12.62 -19.72 1.64
N PRO A 412 11.29 -19.65 1.51
CA PRO A 412 10.62 -18.42 1.83
C PRO A 412 10.63 -18.14 3.33
N GLU A 413 10.48 -16.87 3.69
CA GLU A 413 10.19 -16.51 5.09
C GLU A 413 8.69 -16.76 5.31
N LYS A 414 8.38 -17.25 6.52
CA LYS A 414 7.06 -17.79 6.89
C LYS A 414 6.48 -17.06 8.10
N SER A 415 5.23 -16.65 7.98
CA SER A 415 4.52 -16.00 9.06
C SER A 415 3.32 -16.82 9.49
N LYS A 416 3.16 -16.97 10.79
CA LYS A 416 1.90 -17.37 11.41
C LYS A 416 1.32 -16.24 12.26
N GLN A 417 0.08 -15.88 11.97
CA GLN A 417 -0.60 -14.79 12.68
C GLN A 417 -1.94 -15.24 13.28
N TRP A 418 -2.16 -14.77 14.49
CA TRP A 418 -3.38 -14.92 15.19
C TRP A 418 -3.85 -13.52 15.54
N GLU A 419 -5.14 -13.26 15.37
CA GLU A 419 -5.71 -11.99 15.73
C GLU A 419 -7.12 -12.13 16.28
N GLY A 420 -7.47 -11.29 17.26
CA GLY A 420 -8.77 -11.29 17.90
C GLY A 420 -9.28 -9.88 18.00
N ALA A 421 -10.57 -9.61 17.76
CA ALA A 421 -11.06 -8.24 17.75
C ALA A 421 -12.49 -8.04 18.27
N PHE A 422 -12.76 -6.91 18.88
CA PHE A 422 -14.13 -6.51 19.16
C PHE A 422 -14.42 -5.31 18.33
N GLU A 423 -15.54 -5.32 17.66
CA GLU A 423 -15.98 -4.21 16.83
C GLU A 423 -17.36 -3.74 17.35
N GLY A 424 -17.65 -2.46 17.26
CA GLY A 424 -18.89 -1.97 17.82
C GLY A 424 -19.34 -0.63 17.28
N LEU A 425 -20.65 -0.37 17.43
CA LEU A 425 -21.30 0.90 17.14
C LEU A 425 -21.98 1.29 18.46
N THR A 426 -21.43 2.29 19.13
CA THR A 426 -21.96 2.65 20.40
C THR A 426 -22.13 4.15 20.47
N ALA A 427 -23.39 4.56 20.59
CA ALA A 427 -23.76 5.95 20.81
C ALA A 427 -23.21 6.85 19.67
N GLY A 428 -23.31 6.35 18.45
CA GLY A 428 -22.85 7.09 17.27
C GLY A 428 -21.37 6.96 17.02
N VAL A 429 -20.68 6.14 17.82
CA VAL A 429 -19.25 5.90 17.67
C VAL A 429 -19.00 4.52 17.13
N ASN A 430 -18.39 4.48 15.95
CA ASN A 430 -17.99 3.25 15.31
C ASN A 430 -16.58 2.99 15.75
N TRP A 431 -16.31 1.88 16.40
CA TRP A 431 -14.95 1.62 16.90
C TRP A 431 -14.56 0.18 16.71
N ARG A 432 -13.28 -0.13 16.89
CA ARG A 432 -12.82 -1.49 16.82
C ARG A 432 -11.54 -1.56 17.54
N ILE A 433 -11.30 -2.64 18.28
CA ILE A 433 -10.01 -2.87 18.92
C ILE A 433 -9.59 -4.29 18.67
N SER A 434 -8.36 -4.47 18.16
CA SER A 434 -7.75 -5.80 17.80
C SER A 434 -6.44 -6.05 18.54
N GLY A 435 -6.15 -7.30 18.84
CA GLY A 435 -4.81 -7.70 19.22
C GLY A 435 -4.32 -8.78 18.29
N TYR A 436 -3.04 -8.73 17.96
CA TYR A 436 -2.53 -9.69 17.04
C TYR A 436 -1.17 -10.16 17.47
N ARG A 437 -0.87 -11.40 17.14
CA ARG A 437 0.41 -11.97 17.38
C ARG A 437 0.94 -12.57 16.06
N ASN A 438 2.17 -12.23 15.72
CA ASN A 438 2.75 -12.63 14.46
C ASN A 438 4.09 -13.21 14.72
N ASP A 439 4.23 -14.52 14.52
CA ASP A 439 5.51 -15.23 14.58
C ASP A 439 6.09 -15.42 13.16
N VAL A 440 7.18 -14.70 12.87
CA VAL A 440 7.88 -14.86 11.62
C VAL A 440 9.09 -15.74 11.85
N SER A 441 9.35 -16.67 10.95
CA SER A 441 10.49 -17.57 11.06
C SER A 441 11.12 -17.83 9.69
N ASP A 442 12.24 -18.55 9.69
CA ASP A 442 13.12 -18.66 8.54
C ASP A 442 13.42 -17.32 7.85
N LEU A 443 13.53 -16.26 8.62
CA LEU A 443 14.01 -15.00 8.07
C LEU A 443 15.38 -15.16 7.44
N ILE A 444 15.51 -14.56 6.26
CA ILE A 444 16.76 -14.62 5.49
C ILE A 444 17.80 -13.66 6.05
N ASP A 445 18.77 -14.20 6.79
CA ASP A 445 19.83 -13.40 7.40
C ASP A 445 21.21 -13.66 6.79
N TYR A 446 22.02 -12.61 6.75
CA TYR A 446 23.42 -12.71 6.34
C TYR A 446 24.26 -13.40 7.44
N ASP A 447 25.00 -14.43 7.08
CA ASP A 447 25.91 -15.08 8.02
C ASP A 447 27.36 -14.53 7.84
N ASP A 448 27.80 -13.73 8.80
CA ASP A 448 29.09 -13.04 8.66
C ASP A 448 30.30 -13.96 8.58
N HIS A 449 30.20 -15.18 9.12
CA HIS A 449 31.35 -16.08 9.09
C HIS A 449 31.52 -16.79 7.76
N THR A 450 30.44 -17.14 7.07
CA THR A 450 30.56 -17.82 5.77
C THR A 450 30.23 -16.92 4.56
N LEU A 451 29.98 -15.63 4.81
CA LEU A 451 29.68 -14.66 3.75
C LEU A 451 28.54 -15.15 2.82
N LYS A 452 27.50 -15.70 3.43
CA LYS A 452 26.35 -16.24 2.67
C LYS A 452 25.04 -16.01 3.44
N TYR A 453 23.95 -15.82 2.70
CA TYR A 453 22.61 -15.74 3.30
C TYR A 453 22.07 -17.12 3.69
N TYR A 454 21.47 -17.22 4.86
CA TYR A 454 20.70 -18.41 5.20
C TYR A 454 19.31 -18.06 5.76
N ASN A 455 18.37 -19.02 5.67
CA ASN A 455 17.14 -19.00 6.46
C ASN A 455 17.52 -19.32 7.89
N GLU A 456 17.36 -18.39 8.84
CA GLU A 456 17.58 -18.77 10.24
C GLU A 456 16.83 -17.91 11.27
N GLY A 457 16.69 -16.63 11.01
CA GLY A 457 16.11 -15.66 11.95
C GLY A 457 14.69 -15.90 12.38
N LYS A 458 14.34 -15.38 13.55
CA LYS A 458 12.96 -15.46 14.05
C LYS A 458 12.55 -14.12 14.58
N ALA A 459 11.29 -13.75 14.35
CA ALA A 459 10.68 -12.57 14.99
C ALA A 459 9.29 -12.85 15.58
N ARG A 460 8.99 -12.21 16.71
CA ARG A 460 7.69 -12.27 17.36
C ARG A 460 7.15 -10.85 17.46
N ILE A 461 5.97 -10.61 16.89
CA ILE A 461 5.33 -9.30 16.95
C ILE A 461 3.98 -9.39 17.68
N LYS A 462 3.79 -8.60 18.70
CA LYS A 462 2.53 -8.55 19.44
C LYS A 462 2.08 -7.13 19.36
N GLY A 463 0.89 -6.91 18.85
CA GLY A 463 0.40 -5.56 18.65
C GLY A 463 -1.08 -5.38 19.03
N VAL A 464 -1.45 -4.11 19.13
CA VAL A 464 -2.78 -3.72 19.35
C VAL A 464 -3.06 -2.54 18.44
N GLU A 465 -4.18 -2.65 17.74
CA GLU A 465 -4.80 -1.57 16.94
C GLU A 465 -6.17 -1.15 17.48
N ALA A 466 -6.30 0.12 17.71
CA ALA A 466 -7.62 0.65 18.15
C ALA A 466 -7.95 1.84 17.27
N THR A 467 -9.15 1.84 16.72
CA THR A 467 -9.63 2.93 15.88
C THR A 467 -11.06 3.36 16.23
N ALA A 468 -11.40 4.61 15.92
CA ALA A 468 -12.79 5.06 16.09
C ALA A 468 -13.06 6.20 15.15
N ASN A 469 -14.31 6.28 14.69
CA ASN A 469 -14.76 7.48 13.98
C ASN A 469 -16.14 7.87 14.47
N PHE A 470 -16.40 9.16 14.50
CA PHE A 470 -17.64 9.67 15.05
C PHE A 470 -17.71 11.13 14.79
N ASP A 471 -18.91 11.70 14.93
CA ASP A 471 -19.12 13.13 14.77
C ASP A 471 -19.56 13.73 16.11
N THR A 472 -19.18 14.99 16.34
CA THR A 472 -19.68 15.80 17.39
C THR A 472 -20.17 17.06 16.73
N GLY A 473 -21.48 17.15 16.49
CA GLY A 473 -22.04 18.28 15.73
C GLY A 473 -21.46 18.32 14.35
N PRO A 474 -21.00 19.50 13.91
CA PRO A 474 -20.35 19.56 12.57
C PRO A 474 -18.92 18.96 12.48
N LEU A 475 -18.32 18.54 13.59
CA LEU A 475 -16.94 18.03 13.56
C LEU A 475 -16.94 16.53 13.25
N THR A 476 -16.04 16.05 12.39
CA THR A 476 -15.87 14.61 12.18
C THR A 476 -14.52 14.19 12.64
N HIS A 477 -14.48 13.13 13.42
CA HIS A 477 -13.23 12.68 14.09
C HIS A 477 -12.85 11.31 13.61
N THR A 478 -11.59 11.12 13.30
CA THR A 478 -11.09 9.81 12.82
C THR A 478 -9.79 9.61 13.55
N VAL A 479 -9.77 8.58 14.39
CA VAL A 479 -8.71 8.43 15.33
C VAL A 479 -8.25 7.03 15.30
N SER A 480 -6.95 6.84 15.49
CA SER A 480 -6.42 5.50 15.69
C SER A 480 -5.27 5.52 16.65
N TYR A 481 -5.03 4.38 17.29
CA TYR A 481 -3.89 4.15 18.12
C TYR A 481 -3.33 2.78 17.74
N ASP A 482 -2.00 2.66 17.68
CA ASP A 482 -1.27 1.40 17.40
C ASP A 482 -0.20 1.18 18.44
N TYR A 483 -0.14 -0.01 19.01
CA TYR A 483 1.01 -0.42 19.82
C TYR A 483 1.63 -1.60 19.07
N VAL A 484 2.94 -1.64 18.99
CA VAL A 484 3.61 -2.65 18.20
C VAL A 484 4.87 -3.04 18.95
N ASP A 485 4.90 -4.24 19.49
CA ASP A 485 6.04 -4.74 20.20
C ASP A 485 6.70 -5.74 19.30
N ALA A 486 7.60 -5.29 18.44
CA ALA A 486 8.23 -6.12 17.43
C ALA A 486 9.62 -6.55 17.89
N ARG A 487 9.85 -7.85 18.07
CA ARG A 487 11.17 -8.30 18.50
C ARG A 487 11.84 -9.43 17.71
N ASN A 488 13.16 -9.48 17.79
CA ASN A 488 13.91 -10.67 17.43
C ASN A 488 13.62 -11.72 18.49
N ALA A 489 13.13 -12.88 18.10
CA ALA A 489 12.58 -13.84 19.06
C ALA A 489 13.66 -14.73 19.64
N ILE A 490 14.82 -14.80 18.99
CA ILE A 490 15.93 -15.56 19.56
C ILE A 490 16.51 -14.77 20.73
N THR A 491 16.80 -13.51 20.45
CA THR A 491 17.59 -12.65 21.27
C THR A 491 16.72 -11.77 22.18
N ASP A 492 15.41 -11.72 21.90
CA ASP A 492 14.38 -10.91 22.65
C ASP A 492 14.56 -9.39 22.63
N THR A 493 15.35 -8.90 21.66
CA THR A 493 15.69 -7.48 21.55
C THR A 493 14.77 -6.83 20.54
N PRO A 494 14.34 -5.57 20.77
CA PRO A 494 13.38 -4.93 19.83
C PRO A 494 13.97 -4.78 18.44
N LEU A 495 13.16 -4.96 17.40
CA LEU A 495 13.66 -4.72 16.06
C LEU A 495 13.84 -3.23 15.87
N LEU A 496 14.71 -2.86 14.95
CA LEU A 496 15.08 -1.48 14.72
C LEU A 496 14.14 -0.90 13.72
N ARG A 497 14.05 0.44 13.78
CA ARG A 497 13.46 1.28 12.75
C ARG A 497 11.96 1.46 12.90
N ARG A 498 11.36 0.82 13.90
CA ARG A 498 9.88 0.87 14.12
C ARG A 498 9.40 1.57 15.41
N ALA A 499 8.49 2.51 15.27
CA ALA A 499 7.77 3.12 16.40
C ALA A 499 6.95 2.08 17.14
N LYS A 500 7.17 1.95 18.44
CA LYS A 500 6.33 1.16 19.33
C LYS A 500 4.92 1.77 19.38
N GLN A 501 4.77 3.07 19.33
CA GLN A 501 3.46 3.62 19.48
C GLN A 501 3.20 4.67 18.44
N GLN A 502 1.96 4.69 17.93
CA GLN A 502 1.48 5.83 17.14
C GLN A 502 0.04 6.24 17.43
N VAL A 503 -0.18 7.56 17.49
CA VAL A 503 -1.48 8.08 17.62
C VAL A 503 -1.71 8.93 16.41
N LYS A 504 -2.91 8.84 15.85
CA LYS A 504 -3.27 9.53 14.62
C LYS A 504 -4.69 10.10 14.77
N TYR A 505 -4.88 11.38 14.45
CA TYR A 505 -6.11 12.05 14.67
C TYR A 505 -6.38 12.99 13.53
N GLN A 506 -7.59 12.87 12.98
CA GLN A 506 -8.04 13.71 11.91
C GLN A 506 -9.35 14.39 12.36
N LEU A 507 -9.42 15.69 12.19
CA LEU A 507 -10.61 16.44 12.57
C LEU A 507 -10.96 17.31 11.35
N ASP A 508 -12.12 17.03 10.78
CA ASP A 508 -12.70 17.74 9.65
C ASP A 508 -13.97 18.50 10.01
N TRP A 509 -14.20 19.65 9.39
CA TRP A 509 -15.47 20.37 9.56
C TRP A 509 -15.62 21.43 8.49
N GLN A 510 -16.87 21.88 8.28
CA GLN A 510 -17.16 22.95 7.31
C GLN A 510 -17.87 24.11 7.98
N LEU A 511 -17.44 25.34 7.74
CA LEU A 511 -18.04 26.46 8.44
C LEU A 511 -18.80 27.41 7.50
N TYR A 512 -18.09 28.28 6.76
CA TYR A 512 -18.86 29.20 5.89
C TYR A 512 -18.88 28.42 4.62
N ASP A 513 -18.03 28.67 3.67
CA ASP A 513 -17.89 27.54 2.75
C ASP A 513 -16.47 26.98 2.77
N PHE A 514 -15.79 27.19 3.90
CA PHE A 514 -14.46 26.70 4.11
C PHE A 514 -14.56 25.24 4.64
N ASP A 515 -13.76 24.36 4.04
CA ASP A 515 -13.64 22.98 4.44
C ASP A 515 -12.29 22.88 5.11
N TRP A 516 -12.26 22.51 6.38
CA TRP A 516 -11.04 22.57 7.20
C TRP A 516 -10.72 21.18 7.60
N GLY A 517 -9.43 20.90 7.75
CA GLY A 517 -9.00 19.57 8.18
C GLY A 517 -7.73 19.69 8.97
N ILE A 518 -7.68 19.08 10.14
CA ILE A 518 -6.50 19.13 10.98
C ILE A 518 -5.95 17.72 11.06
N THR A 519 -4.64 17.54 10.91
CA THR A 519 -4.06 16.21 11.02
C THR A 519 -3.07 16.18 12.15
N TYR A 520 -3.25 15.22 13.06
CA TYR A 520 -2.33 15.04 14.19
C TYR A 520 -1.72 13.66 14.09
N GLN A 521 -0.45 13.57 14.39
CA GLN A 521 0.24 12.30 14.48
C GLN A 521 1.24 12.39 15.64
N TYR A 522 1.24 11.40 16.52
CA TYR A 522 2.37 11.16 17.41
C TYR A 522 3.14 9.99 16.88
N LEU A 523 4.41 10.20 16.59
CA LEU A 523 5.30 9.10 16.22
C LEU A 523 6.21 8.79 17.39
N GLY A 524 6.02 7.60 17.93
CA GLY A 524 6.71 7.12 19.11
C GLY A 524 8.17 6.79 18.97
N THR A 525 8.76 6.42 20.10
CA THR A 525 10.17 6.25 20.19
C THR A 525 10.66 5.11 19.29
N ARG A 526 11.82 5.31 18.70
CA ARG A 526 12.33 4.51 17.61
C ARG A 526 13.85 4.32 17.79
N TYR A 527 14.27 3.13 17.37
CA TYR A 527 15.63 2.65 17.53
C TYR A 527 16.22 2.45 16.15
N ASP A 528 17.41 2.93 15.94
CA ASP A 528 17.97 2.89 14.63
C ASP A 528 19.47 2.75 14.84
N LYS A 529 20.21 2.67 13.75
CA LYS A 529 21.65 2.67 13.85
C LYS A 529 22.21 3.94 13.30
N ASP A 530 23.31 4.36 13.90
CA ASP A 530 24.11 5.49 13.45
C ASP A 530 25.34 4.98 12.67
N TYR A 531 25.30 5.24 11.36
CA TYR A 531 26.32 4.84 10.38
C TYR A 531 27.42 5.87 10.19
N SER A 532 27.39 6.94 10.96
CA SER A 532 28.41 7.94 10.93
C SER A 532 29.66 7.41 11.65
N SER A 533 29.50 6.43 12.54
CA SER A 533 30.65 5.84 13.23
C SER A 533 30.57 4.32 13.34
N TYR A 534 31.72 3.68 13.17
CA TYR A 534 31.81 2.22 13.15
C TYR A 534 32.27 1.73 14.53
N PRO A 535 32.12 0.43 14.79
CA PRO A 535 30.84 -0.28 14.92
C PRO A 535 29.64 0.59 15.12
N TYR A 536 28.67 0.35 14.25
CA TYR A 536 27.50 1.12 14.20
C TYR A 536 26.70 0.86 15.43
N GLN A 537 26.38 1.94 16.13
CA GLN A 537 25.74 1.88 17.42
C GLN A 537 24.23 2.08 17.30
N THR A 538 23.49 1.39 18.15
CA THR A 538 22.05 1.54 18.17
C THR A 538 21.74 2.83 18.88
N VAL A 539 20.89 3.67 18.27
CA VAL A 539 20.55 4.95 18.88
C VAL A 539 19.04 5.09 19.09
N LYS A 540 18.64 5.88 20.08
CA LYS A 540 17.24 6.05 20.46
C LYS A 540 16.77 7.41 20.00
N MET A 541 15.71 7.40 19.21
CA MET A 541 15.15 8.60 18.67
C MET A 541 13.84 8.92 19.43
N GLY A 542 13.81 10.07 20.08
CA GLY A 542 12.63 10.44 20.87
C GLY A 542 11.38 10.59 20.02
N GLY A 543 10.23 10.52 20.67
CA GLY A 543 8.96 10.67 19.98
C GLY A 543 8.66 12.11 19.66
N VAL A 544 7.73 12.33 18.74
CA VAL A 544 7.43 13.66 18.24
C VAL A 544 5.96 13.74 17.88
N SER A 545 5.40 14.92 18.09
CA SER A 545 4.10 15.29 17.74
C SER A 545 4.21 16.17 16.53
N LEU A 546 3.33 15.94 15.54
CA LEU A 546 3.30 16.67 14.26
C LEU A 546 1.86 17.05 13.88
N TRP A 547 1.70 18.26 13.39
CA TRP A 547 0.40 18.85 13.09
C TRP A 547 0.37 19.37 11.64
N ASP A 548 -0.75 19.15 10.94
CA ASP A 548 -1.01 19.83 9.66
C ASP A 548 -2.36 20.49 9.64
N LEU A 549 -2.45 21.53 8.84
CA LEU A 549 -3.66 22.34 8.73
C LEU A 549 -4.00 22.53 7.25
N ALA A 550 -5.19 22.14 6.85
CA ALA A 550 -5.61 22.21 5.47
C ALA A 550 -6.98 22.86 5.32
N VAL A 551 -7.10 23.73 4.30
CA VAL A 551 -8.35 24.40 3.94
C VAL A 551 -8.66 24.28 2.44
N ALA A 552 -9.95 24.27 2.14
CA ALA A 552 -10.46 24.29 0.76
C ALA A 552 -11.61 25.28 0.68
N TYR A 553 -11.67 26.02 -0.42
CA TYR A 553 -12.81 26.97 -0.65
C TYR A 553 -13.26 26.91 -2.08
N PRO A 554 -14.57 26.71 -2.31
CA PRO A 554 -15.08 26.79 -3.66
C PRO A 554 -15.33 28.23 -4.06
N VAL A 555 -14.35 28.85 -4.72
CA VAL A 555 -14.45 30.24 -5.25
C VAL A 555 -15.68 30.42 -6.14
N THR A 556 -15.93 29.43 -6.99
CA THR A 556 -17.15 29.33 -7.79
C THR A 556 -17.46 27.84 -7.87
N SER A 557 -18.56 27.49 -8.52
CA SER A 557 -18.96 26.09 -8.61
C SER A 557 -17.99 25.30 -9.50
N HIS A 558 -17.11 26.01 -10.21
CA HIS A 558 -16.11 25.35 -11.09
C HIS A 558 -14.68 25.33 -10.54
N LEU A 559 -14.39 26.25 -9.63
CA LEU A 559 -13.04 26.56 -9.21
C LEU A 559 -12.92 26.42 -7.72
N THR A 560 -12.09 25.48 -7.28
CA THR A 560 -11.76 25.29 -5.85
C THR A 560 -10.30 25.70 -5.63
N VAL A 561 -10.08 26.51 -4.60
CA VAL A 561 -8.74 26.87 -4.19
C VAL A 561 -8.46 26.18 -2.84
N ARG A 562 -7.21 25.75 -2.63
CA ARG A 562 -6.82 25.00 -1.42
C ARG A 562 -5.50 25.44 -0.80
N GLY A 563 -5.36 25.22 0.49
CA GLY A 563 -4.19 25.70 1.24
C GLY A 563 -3.81 24.69 2.29
N LYS A 564 -2.51 24.56 2.52
CA LYS A 564 -2.02 23.60 3.52
C LYS A 564 -0.75 24.13 4.12
N ILE A 565 -0.63 23.90 5.43
CA ILE A 565 0.63 24.08 6.15
C ILE A 565 0.97 22.70 6.72
N ALA A 566 1.90 22.03 6.09
CA ALA A 566 2.45 20.76 6.64
C ALA A 566 3.50 21.12 7.70
N ASN A 567 3.39 20.48 8.87
CA ASN A 567 4.34 20.61 9.99
C ASN A 567 4.24 22.01 10.56
N LEU A 568 3.07 22.24 11.13
CA LEU A 568 2.65 23.56 11.52
C LEU A 568 3.63 24.15 12.56
N PHE A 569 4.25 23.32 13.39
CA PHE A 569 5.14 23.84 14.45
C PHE A 569 6.64 23.73 14.11
N ASP A 570 6.94 23.56 12.81
CA ASP A 570 8.33 23.49 12.36
C ASP A 570 9.10 22.63 13.36
N LYS A 571 8.65 21.40 13.52
CA LYS A 571 9.27 20.46 14.43
C LYS A 571 10.36 19.74 13.69
N ASP A 572 11.52 19.63 14.33
CA ASP A 572 12.68 19.06 13.69
C ASP A 572 12.73 17.60 14.13
N TYR A 573 12.77 16.68 13.16
CA TYR A 573 12.77 15.26 13.49
C TYR A 573 13.27 14.39 12.35
N GLU A 574 13.65 13.17 12.68
CA GLU A 574 14.05 12.23 11.66
C GLU A 574 13.28 10.94 11.81
N THR A 575 12.89 10.30 10.69
CA THR A 575 12.41 8.92 10.73
C THR A 575 13.56 8.00 10.42
N VAL A 576 14.63 8.53 9.86
CA VAL A 576 15.86 7.73 9.73
C VAL A 576 17.01 8.53 10.28
N TYR A 577 17.73 7.97 11.24
CA TYR A 577 18.81 8.71 11.89
C TYR A 577 19.74 9.28 10.86
N GLY A 578 19.99 10.59 10.93
CA GLY A 578 20.90 11.26 10.00
C GLY A 578 20.19 12.03 8.89
N TYR A 579 18.99 11.61 8.54
CA TYR A 579 18.31 12.17 7.35
C TYR A 579 17.26 13.24 7.70
N GLN A 580 17.55 14.51 7.42
CA GLN A 580 16.63 15.56 7.89
C GLN A 580 15.30 15.55 7.11
N THR A 581 14.19 15.66 7.83
CA THR A 581 12.86 15.87 7.23
C THR A 581 12.54 17.35 7.01
N ALA A 582 11.32 17.59 6.57
CA ALA A 582 10.95 18.79 5.80
C ALA A 582 11.04 20.16 6.51
N GLY A 583 10.40 20.24 7.67
CA GLY A 583 10.17 21.54 8.31
C GLY A 583 8.81 22.02 7.87
N ARG A 584 8.35 23.13 8.44
CA ARG A 584 7.11 23.73 8.00
C ARG A 584 7.16 23.96 6.48
N GLU A 585 6.16 23.45 5.77
CA GLU A 585 5.98 23.76 4.35
C GLU A 585 4.55 24.26 4.09
N TYR A 586 4.46 25.16 3.14
CA TYR A 586 3.22 25.80 2.78
C TYR A 586 2.88 25.29 1.40
N THR A 587 1.60 25.09 1.12
CA THR A 587 1.17 24.75 -0.23
C THR A 587 -0.12 25.51 -0.56
N LEU A 588 -0.24 25.88 -1.82
CA LEU A 588 -1.36 26.66 -2.26
C LEU A 588 -1.67 26.09 -3.60
N SER A 589 -2.91 25.67 -3.82
CA SER A 589 -3.24 24.96 -5.05
C SER A 589 -4.64 25.24 -5.53
N GLY A 590 -4.92 24.81 -6.75
CA GLY A 590 -6.27 24.96 -7.28
C GLY A 590 -6.70 23.86 -8.23
N SER A 591 -8.01 23.75 -8.43
CA SER A 591 -8.56 22.91 -9.52
C SER A 591 -9.69 23.65 -10.18
N TYR A 592 -9.78 23.49 -11.49
CA TYR A 592 -10.85 24.07 -12.30
C TYR A 592 -11.51 22.94 -13.04
N THR A 593 -12.81 22.77 -12.82
CA THR A 593 -13.58 21.74 -13.48
C THR A 593 -14.57 22.33 -14.47
N PHE A 594 -14.71 21.67 -15.62
CA PHE A 594 -15.80 21.91 -16.59
C PHE A 594 -16.20 20.63 -17.37
C1 C8E B . -8.43 -25.34 -5.52
C2 C8E B . -7.18 -24.65 -4.91
C3 C8E B . -6.68 -25.33 -3.66
C4 C8E B . -5.35 -24.77 -3.17
C5 C8E B . -5.17 -25.28 -1.76
C6 C8E B . -3.77 -25.25 -1.21
C7 C8E B . -3.81 -24.96 0.26
C8 C8E B . -2.46 -24.53 0.70
O9 C8E B . -2.08 -25.42 1.66
C10 C8E B . -2.60 -25.14 2.90
C11 C8E B . -1.38 -24.71 3.63
O12 C8E B . -0.37 -25.61 3.25
C13 C8E B . -0.28 -26.66 4.21
C14 C8E B . 0.28 -27.94 3.58
O15 C8E B . 1.57 -27.75 3.01
C16 C8E B . 2.29 -28.92 2.79
C17 C8E B . 2.07 -29.44 1.40
O18 C8E B . 1.83 -30.85 1.50
C19 C8E B . 2.00 -31.45 0.24
C20 C8E B . 1.54 -32.89 0.23
O21 C8E B . 2.43 -33.70 0.97
C1 C8E C . -16.00 -5.49 23.85
C2 C8E C . -17.44 -5.33 23.35
C3 C8E C . -18.37 -5.04 24.53
C4 C8E C . -19.74 -4.53 24.05
C5 C8E C . -20.78 -4.18 25.13
C6 C8E C . -22.13 -3.81 24.51
C7 C8E C . -23.24 -4.54 25.27
C8 C8E C . -24.68 -4.05 25.00
O9 C8E C . -24.62 -2.71 24.64
C10 C8E C . -25.76 -2.15 24.06
C11 C8E C . -27.07 -2.67 24.61
O12 C8E C . -27.97 -1.60 24.41
C13 C8E C . -27.93 -0.63 25.44
C14 C8E C . -27.85 0.75 24.80
O15 C8E C . -28.94 1.53 25.22
C16 C8E C . -30.16 1.14 24.62
C17 C8E C . -30.47 2.07 23.46
O18 C8E C . -31.66 1.57 22.86
C19 C8E C . -32.61 2.56 22.50
C20 C8E C . -34.08 2.13 22.68
O21 C8E C . -34.19 0.92 23.38
C1 C8E D . -9.61 0.73 24.04
C2 C8E D . -10.16 -0.26 25.09
C3 C8E D . -11.58 0.09 25.46
C4 C8E D . -12.68 -0.51 24.58
C5 C8E D . -12.54 0.01 23.19
C6 C8E D . -13.03 1.40 23.10
C7 C8E D . -12.80 1.79 21.67
C8 C8E D . -11.39 2.22 21.47
O9 C8E D . -11.57 3.27 20.58
C10 C8E D . -10.73 4.35 20.81
C11 C8E D . -9.47 4.18 20.07
O12 C8E D . -8.73 5.29 20.51
C13 C8E D . -7.58 5.16 21.38
C14 C8E D . -7.71 4.04 22.39
O15 C8E D . -6.55 4.02 23.20
C16 C8E D . -6.53 3.20 24.33
C17 C8E D . -6.47 1.76 23.91
O18 C8E D . -5.16 1.29 24.02
C19 C8E D . -5.05 0.13 24.81
C20 C8E D . -3.64 -0.46 24.66
O21 C8E D . -3.54 -1.70 25.35
C1 C8E E . -15.72 -24.47 -0.40
C2 C8E E . -14.37 -23.95 0.08
C3 C8E E . -14.54 -22.73 0.98
C4 C8E E . -13.39 -22.56 1.98
C5 C8E E . -12.10 -22.08 1.33
C6 C8E E . -11.17 -21.45 2.34
C7 C8E E . -11.12 -22.31 3.59
C8 C8E E . -9.84 -22.14 4.37
O9 C8E E . -9.83 -22.93 5.54
C10 C8E E . -11.03 -23.07 6.25
C11 C8E E . -11.03 -24.41 6.97
O12 C8E E . -10.86 -24.33 8.38
C13 C8E E . -11.77 -23.56 9.20
C14 C8E E . -13.27 -23.88 9.08
O15 C8E E . -14.09 -22.74 9.36
C16 C8E E . -14.65 -21.93 8.32
C17 C8E E . -14.29 -22.30 6.87
O18 C8E E . -14.45 -21.25 5.93
C19 C8E E . -15.75 -21.10 5.41
C20 C8E E . -15.56 -20.29 4.16
O21 C8E E . -16.71 -19.53 3.91
C1 C8E F . -9.58 -8.23 22.18
C2 C8E F . -8.57 -7.16 21.76
C3 C8E F . -7.30 -7.08 22.63
C4 C8E F . -7.05 -5.70 23.26
C5 C8E F . -5.67 -5.61 23.93
C6 C8E F . -5.55 -4.63 25.09
C7 C8E F . -5.67 -5.38 26.41
C8 C8E F . -4.33 -5.85 26.94
O9 C8E F . -4.56 -6.82 27.95
C10 C8E F . -3.56 -7.80 28.10
C11 C8E F . -2.14 -7.26 27.99
O12 C8E F . -1.52 -7.64 26.75
C13 C8E F . -0.13 -7.84 26.92
C14 C8E F . 0.51 -7.93 25.55
O15 C8E F . 0.07 -6.82 24.81
C16 C8E F . 0.26 -6.93 23.43
C17 C8E F . -0.54 -8.16 23.04
O18 C8E F . -1.10 -8.00 21.77
C19 C8E F . -1.79 -9.21 21.42
C20 C8E F . -0.83 -10.37 21.12
O21 C8E F . -0.81 -11.36 22.14
C1 C8E G . -8.76 -25.51 1.81
C2 C8E G . -8.29 -25.90 3.21
C3 C8E G . -6.78 -25.80 3.46
C4 C8E G . -6.53 -26.11 4.94
C5 C8E G . -5.07 -26.39 5.25
C6 C8E G . -4.91 -26.88 6.68
C7 C8E G . -3.48 -26.61 7.14
C8 C8E G . -2.49 -27.74 6.87
O9 C8E G . -2.13 -28.31 8.09
C10 C8E G . -2.36 -29.69 8.23
C11 C8E G . -1.12 -30.32 8.83
O12 C8E G . 0.02 -29.63 8.30
C13 C8E G . 1.25 -30.34 8.24
C14 C8E G . 1.59 -31.10 9.54
O15 C8E G . 2.48 -32.21 9.38
C16 C8E G . 3.25 -32.38 8.18
C17 C8E G . 4.37 -31.34 8.07
O18 C8E G . 5.28 -31.46 9.15
C19 C8E G . 6.60 -31.86 8.78
C20 C8E G . 7.31 -30.78 7.95
O21 C8E G . 7.52 -31.16 6.60
MG MG H . -25.15 -15.02 -14.28
MG MG I . 6.66 6.46 23.51
MG MG J . 14.30 23.86 9.42
MG MG K . -7.82 -15.62 18.69
MG MG L . -17.74 -10.62 -25.46
MG MG M . 0.92 -17.91 -19.91
MG MG N . 13.03 23.55 -10.64
MG MG O . 35.89 -18.00 14.05
MG MG P . -13.56 -14.06 -18.68
O1 MTN Q . -10.03 14.00 -28.28
N1 MTN Q . -10.43 13.54 -27.03
C1 MTN Q . -11.80 13.38 -26.59
C2 MTN Q . -11.69 12.83 -25.17
C3 MTN Q . -10.41 12.79 -24.82
C4 MTN Q . -9.84 12.32 -23.48
S1 MTN Q . -10.95 12.60 -22.07
C5 MTN Q . -9.52 13.23 -25.97
C6 MTN Q . -8.59 12.14 -26.47
C7 MTN Q . -8.80 14.53 -25.60
C8 MTN Q . -12.47 14.75 -26.48
C9 MTN Q . -12.53 12.47 -27.57
#